data_3PYE
#
_entry.id   3PYE
#
_cell.length_a   52.762
_cell.length_b   73.693
_cell.length_c   106.229
_cell.angle_alpha   90.00
_cell.angle_beta   90.00
_cell.angle_gamma   90.00
#
_symmetry.space_group_name_H-M   'P 21 21 21'
#
loop_
_entity.id
_entity.type
_entity.pdbx_description
1 polymer '4-diphosphocytidyl-2-C-methyl-D-erythritol kinase'
2 non-polymer 4-DIPHOSPHOCYTIDYL-2-C-METHYL-D-ERYTHRITOL
3 water water
#
_entity_poly.entity_id   1
_entity_poly.type   'polypeptide(L)'
_entity_poly.pdbx_seq_one_letter_code
;MPTGSVTVRVPGKVNLYLAVGDRREDGYHELTTVFHAVSLVDEVTVRNADVLSLELVGEGADQLPTDERNLAWQAAELMA
EHVGRAPDVSIMIDKSIPVAGGMAGGSADAAAVLVAMNSLWELNVPRRDLRMLAARLGSDVPFALHGGTALGTGRGEELA
TVLSRNTFHWVLAFADSGLLTSAVYNELDRLREVGDPPRLGEPGPVLAALAAGDPDQLAPLLGNEMQAAAVSLDPALARA
LRAGVEAGALAGIVSGSGPTCAFLCTSASSAIDVGAQLSGAGVCRTVRVATGPVPGARVVSAPTEV
;
_entity_poly.pdbx_strand_id   A
#
# COMPACT_ATOMS: atom_id res chain seq x y z
N MET A 1 18.23 -1.91 -30.69
CA MET A 1 18.84 -0.55 -30.74
C MET A 1 18.54 0.41 -29.51
N PRO A 2 17.27 0.85 -29.30
CA PRO A 2 16.90 2.15 -28.63
C PRO A 2 17.69 2.76 -27.41
N THR A 3 18.06 1.97 -26.40
CA THR A 3 19.13 2.33 -25.41
C THR A 3 18.84 3.15 -24.12
N GLY A 4 17.95 4.14 -24.18
CA GLY A 4 17.57 4.86 -22.94
C GLY A 4 16.88 3.97 -21.87
N SER A 5 16.61 4.57 -20.73
CA SER A 5 16.16 3.84 -19.57
C SER A 5 15.18 4.81 -18.90
N VAL A 6 14.10 4.32 -18.28
CA VAL A 6 13.18 5.19 -17.53
C VAL A 6 13.05 4.62 -16.12
N THR A 7 13.15 5.48 -15.10
CA THR A 7 12.86 4.96 -13.74
C THR A 7 11.66 5.65 -13.15
N VAL A 8 10.82 4.81 -12.55
CA VAL A 8 9.59 5.26 -11.94
C VAL A 8 9.59 4.96 -10.43
N ARG A 9 9.31 5.95 -9.62
CA ARG A 9 9.20 5.78 -8.15
C ARG A 9 7.73 5.60 -7.81
N VAL A 10 7.44 4.65 -6.94
CA VAL A 10 6.04 4.29 -6.63
C VAL A 10 6.01 3.90 -5.13
N PRO A 11 5.02 4.42 -4.39
CA PRO A 11 4.94 4.21 -2.96
C PRO A 11 4.10 3.00 -2.48
N GLY A 12 4.38 2.55 -1.25
CA GLY A 12 3.53 1.59 -0.57
C GLY A 12 2.36 2.39 -0.01
N LYS A 13 1.35 1.69 0.54
CA LYS A 13 0.24 2.37 1.10
C LYS A 13 -0.16 1.83 2.46
N VAL A 14 -0.87 2.67 3.23
CA VAL A 14 -1.52 2.23 4.41
C VAL A 14 -3.01 2.53 4.27
N ASN A 15 -3.83 1.80 5.00
CA ASN A 15 -5.24 2.09 5.04
C ASN A 15 -5.56 2.88 6.30
N LEU A 16 -6.01 4.11 6.13
CA LEU A 16 -6.34 4.95 7.33
C LEU A 16 -7.73 4.54 7.90
N TYR A 17 -8.56 4.02 7.00
CA TYR A 17 -9.94 3.69 7.24
C TYR A 17 -10.28 2.48 6.39
N LEU A 18 -10.92 1.49 7.01
CA LEU A 18 -11.38 0.35 6.24
C LEU A 18 -12.68 -0.17 6.82
N ALA A 19 -13.78 -0.06 6.08
CA ALA A 19 -15.06 -0.63 6.56
C ALA A 19 -15.25 -1.85 5.68
N VAL A 20 -15.74 -2.94 6.24
CA VAL A 20 -15.84 -4.18 5.48
C VAL A 20 -17.29 -4.66 5.58
N GLY A 21 -17.97 -4.74 4.43
CA GLY A 21 -19.37 -5.10 4.42
C GLY A 21 -19.57 -6.57 4.77
N ASP A 22 -20.79 -6.93 5.14
CA ASP A 22 -21.12 -8.33 5.43
C ASP A 22 -20.85 -9.24 4.25
N ARG A 23 -20.44 -10.47 4.57
CA ARG A 23 -20.11 -11.44 3.54
C ARG A 23 -21.24 -11.58 2.49
N ARG A 24 -20.93 -11.41 1.22
CA ARG A 24 -21.85 -11.74 0.14
C ARG A 24 -21.78 -13.25 -0.22
N GLU A 25 -22.54 -13.64 -1.24
CA GLU A 25 -22.08 -14.72 -2.09
C GLU A 25 -21.76 -14.13 -3.48
N ASP A 26 -20.68 -14.60 -4.10
CA ASP A 26 -19.98 -15.77 -3.58
C ASP A 26 -18.77 -15.45 -2.67
N GLY A 27 -19.09 -15.10 -1.42
CA GLY A 27 -18.13 -15.07 -0.31
C GLY A 27 -17.31 -13.80 -0.11
N TYR A 28 -17.35 -12.90 -1.10
CA TYR A 28 -16.60 -11.65 -1.06
C TYR A 28 -17.18 -10.62 -0.08
N HIS A 29 -16.36 -9.62 0.25
CA HIS A 29 -16.80 -8.49 1.11
C HIS A 29 -16.51 -7.15 0.41
N GLU A 30 -17.49 -6.28 0.43
CA GLU A 30 -17.39 -5.00 -0.26
C GLU A 30 -16.58 -4.05 0.65
N LEU A 31 -15.55 -3.43 0.11
CA LEU A 31 -14.66 -2.67 0.99
C LEU A 31 -14.80 -1.18 0.74
N THR A 32 -14.96 -0.42 1.82
CA THR A 32 -14.70 0.99 1.68
C THR A 32 -13.43 1.48 2.35
N THR A 33 -12.57 2.10 1.56
CA THR A 33 -11.25 2.37 2.14
C THR A 33 -10.72 3.72 1.90
N VAL A 34 -10.07 4.25 2.91
CA VAL A 34 -9.22 5.42 2.66
C VAL A 34 -7.76 4.94 2.55
N PHE A 35 -7.25 5.00 1.31
CA PHE A 35 -5.87 4.65 0.96
C PHE A 35 -4.97 5.82 1.18
N HIS A 36 -3.74 5.62 1.68
CA HIS A 36 -2.81 6.72 1.91
C HIS A 36 -1.42 6.23 1.55
N ALA A 37 -0.81 6.90 0.56
CA ALA A 37 0.47 6.52 0.02
C ALA A 37 1.47 7.18 0.92
N VAL A 38 2.48 6.44 1.33
CA VAL A 38 3.52 6.96 2.19
C VAL A 38 4.95 6.73 1.59
N SER A 39 5.92 7.48 2.12
CA SER A 39 7.28 7.55 1.55
C SER A 39 8.18 6.27 1.74
N LEU A 40 7.57 5.09 1.79
CA LEU A 40 8.36 3.83 1.59
C LEU A 40 8.07 3.43 0.15
N VAL A 41 9.13 3.35 -0.69
CA VAL A 41 8.87 3.37 -2.12
C VAL A 41 9.70 2.30 -2.79
N ASP A 42 9.32 1.92 -4.01
CA ASP A 42 10.19 1.09 -4.86
C ASP A 42 10.58 2.00 -6.04
N GLU A 43 11.74 1.74 -6.65
CA GLU A 43 12.09 2.40 -7.89
C GLU A 43 12.29 1.34 -8.97
N VAL A 44 11.55 1.52 -10.06
CA VAL A 44 11.52 0.54 -11.12
C VAL A 44 12.06 1.15 -12.44
N THR A 45 13.08 0.49 -12.93
CA THR A 45 13.85 0.94 -14.09
C THR A 45 13.64 -0.02 -15.22
N VAL A 46 13.24 0.52 -16.36
CA VAL A 46 12.85 -0.29 -17.52
C VAL A 46 13.65 0.22 -18.71
N ARG A 47 14.16 -0.72 -19.51
CA ARG A 47 14.97 -0.39 -20.69
CA ARG A 47 14.92 -0.37 -20.71
C ARG A 47 14.49 -1.30 -21.82
N ASN A 48 14.71 -0.91 -23.09
CA ASN A 48 14.50 -1.86 -24.19
C ASN A 48 15.48 -3.09 -24.07
N ALA A 49 15.07 -4.28 -24.44
CA ALA A 49 15.90 -5.51 -24.34
C ALA A 49 15.44 -6.45 -25.42
N ASP A 50 16.17 -7.55 -25.63
CA ASP A 50 15.78 -8.59 -26.61
C ASP A 50 14.55 -9.41 -26.21
N VAL A 51 14.42 -9.63 -24.91
CA VAL A 51 13.31 -10.41 -24.36
C VAL A 51 12.89 -9.78 -22.98
N LEU A 52 11.71 -10.12 -22.50
CA LEU A 52 11.23 -9.65 -21.23
C LEU A 52 12.05 -10.30 -20.12
N SER A 53 12.63 -9.47 -19.23
CA SER A 53 13.25 -10.06 -18.04
C SER A 53 12.95 -9.17 -16.84
N LEU A 54 13.09 -9.73 -15.63
CA LEU A 54 12.72 -9.03 -14.38
C LEU A 54 13.75 -9.41 -13.33
N GLU A 55 14.28 -8.41 -12.63
CA GLU A 55 15.20 -8.65 -11.52
C GLU A 55 14.81 -7.69 -10.38
N LEU A 56 14.95 -8.12 -9.13
CA LEU A 56 14.67 -7.28 -7.98
C LEU A 56 15.85 -7.29 -7.01
N VAL A 57 16.13 -6.14 -6.42
CA VAL A 57 17.13 -6.02 -5.33
C VAL A 57 16.57 -5.26 -4.10
N GLY A 58 17.02 -5.61 -2.91
CA GLY A 58 16.63 -4.89 -1.71
C GLY A 58 16.23 -5.93 -0.70
N GLU A 59 16.03 -5.50 0.54
CA GLU A 59 15.75 -6.46 1.59
C GLU A 59 14.53 -7.24 1.19
N GLY A 60 14.59 -8.55 1.41
CA GLY A 60 13.48 -9.41 1.07
C GLY A 60 13.26 -9.66 -0.43
N ALA A 61 14.00 -8.99 -1.33
CA ALA A 61 13.74 -9.14 -2.77
C ALA A 61 13.99 -10.57 -3.27
N ASP A 62 14.96 -11.24 -2.68
CA ASP A 62 15.22 -12.66 -2.95
C ASP A 62 14.05 -13.61 -2.65
N GLN A 63 13.02 -13.16 -1.94
CA GLN A 63 11.86 -14.05 -1.75
C GLN A 63 10.93 -14.10 -3.02
N LEU A 64 11.11 -13.16 -3.94
CA LEU A 64 10.04 -12.86 -4.91
C LEU A 64 10.36 -13.53 -6.26
N PRO A 65 9.35 -14.07 -6.93
CA PRO A 65 9.52 -14.68 -8.26
C PRO A 65 9.86 -13.61 -9.30
N THR A 66 10.59 -14.03 -10.32
CA THR A 66 11.01 -13.13 -11.34
C THR A 66 10.42 -13.61 -12.67
N ASP A 67 9.32 -14.32 -12.61
CA ASP A 67 8.63 -14.71 -13.82
C ASP A 67 7.19 -14.18 -13.82
N GLU A 68 6.35 -14.87 -14.60
CA GLU A 68 4.93 -14.56 -14.79
C GLU A 68 4.15 -14.39 -13.51
N ARG A 69 4.60 -15.04 -12.45
CA ARG A 69 3.75 -14.90 -11.26
C ARG A 69 4.00 -13.57 -10.50
N ASN A 70 5.03 -12.84 -10.92
CA ASN A 70 5.24 -11.46 -10.42
C ASN A 70 4.27 -10.51 -11.15
N LEU A 71 3.52 -9.73 -10.40
CA LEU A 71 2.61 -8.73 -11.00
C LEU A 71 3.32 -7.71 -11.88
N ALA A 72 4.56 -7.35 -11.57
CA ALA A 72 5.25 -6.41 -12.50
C ALA A 72 5.50 -7.01 -13.90
N TRP A 73 5.79 -8.31 -13.92
CA TRP A 73 5.87 -9.09 -15.16
C TRP A 73 4.53 -9.12 -15.92
N GLN A 74 3.44 -9.45 -15.21
CA GLN A 74 2.12 -9.38 -15.83
C GLN A 74 1.78 -7.99 -16.40
N ALA A 75 2.17 -6.92 -15.69
CA ALA A 75 1.95 -5.54 -16.14
C ALA A 75 2.64 -5.24 -17.47
N ALA A 76 3.92 -5.64 -17.60
CA ALA A 76 4.62 -5.47 -18.87
C ALA A 76 3.87 -6.17 -20.04
N GLU A 77 3.41 -7.39 -19.80
CA GLU A 77 2.71 -8.17 -20.81
C GLU A 77 1.43 -7.49 -21.20
N LEU A 78 0.69 -7.00 -20.19
CA LEU A 78 -0.61 -6.38 -20.47
C LEU A 78 -0.42 -5.03 -21.16
N MET A 79 0.59 -4.28 -20.74
CA MET A 79 0.82 -2.96 -21.33
C MET A 79 1.23 -3.14 -22.82
N ALA A 80 2.22 -4.01 -23.06
CA ALA A 80 2.62 -4.38 -24.46
C ALA A 80 1.41 -4.85 -25.31
N GLU A 81 0.61 -5.75 -24.76
CA GLU A 81 -0.54 -6.29 -25.51
C GLU A 81 -1.50 -5.13 -25.83
N HIS A 82 -1.64 -4.21 -24.89
CA HIS A 82 -2.57 -3.08 -25.07
C HIS A 82 -2.19 -2.24 -26.29
N VAL A 83 -0.90 -2.16 -26.55
CA VAL A 83 -0.47 -1.34 -27.70
C VAL A 83 0.03 -2.21 -28.87
N GLY A 84 -0.35 -3.49 -28.90
CA GLY A 84 -0.07 -4.46 -29.98
C GLY A 84 1.40 -4.81 -30.12
N ARG A 85 2.15 -4.66 -29.02
CA ARG A 85 3.59 -4.84 -29.02
C ARG A 85 4.03 -6.05 -28.22
N ALA A 86 5.23 -6.54 -28.54
CA ALA A 86 5.90 -7.52 -27.72
C ALA A 86 6.52 -6.82 -26.47
N PRO A 87 6.40 -7.41 -25.27
CA PRO A 87 6.97 -6.70 -24.07
C PRO A 87 8.50 -6.82 -24.02
N ASP A 88 9.19 -6.23 -25.00
CA ASP A 88 10.65 -6.47 -25.16
C ASP A 88 11.38 -5.52 -24.26
N VAL A 89 11.29 -5.80 -22.95
CA VAL A 89 11.76 -4.84 -21.98
C VAL A 89 12.48 -5.59 -20.82
N SER A 90 13.49 -5.02 -20.22
CA SER A 90 14.07 -5.56 -19.01
C SER A 90 13.65 -4.68 -17.84
N ILE A 91 13.36 -5.27 -16.68
CA ILE A 91 12.81 -4.52 -15.54
C ILE A 91 13.72 -4.75 -14.34
N MET A 92 14.17 -3.68 -13.72
CA MET A 92 15.03 -3.83 -12.57
C MET A 92 14.34 -3.05 -11.46
N ILE A 93 14.05 -3.73 -10.35
CA ILE A 93 13.28 -3.11 -9.25
C ILE A 93 14.19 -2.95 -8.05
N ASP A 94 14.41 -1.69 -7.65
CA ASP A 94 15.07 -1.41 -6.35
C ASP A 94 13.95 -1.38 -5.29
N LYS A 95 13.87 -2.43 -4.47
CA LYS A 95 12.72 -2.62 -3.55
C LYS A 95 13.03 -2.02 -2.19
N SER A 96 12.30 -1.03 -1.75
CA SER A 96 12.38 -0.63 -0.34
C SER A 96 11.04 -0.69 0.32
N ILE A 97 10.00 -1.14 -0.36
CA ILE A 97 8.73 -1.38 0.36
C ILE A 97 8.85 -2.73 1.00
N PRO A 98 8.66 -2.81 2.32
CA PRO A 98 8.91 -4.09 3.00
C PRO A 98 8.17 -5.30 2.43
N VAL A 99 8.90 -6.37 2.14
CA VAL A 99 8.29 -7.50 1.42
C VAL A 99 7.37 -8.22 2.35
N ALA A 100 6.20 -8.62 1.86
CA ALA A 100 5.16 -9.27 2.65
C ALA A 100 4.81 -8.39 3.84
N GLY A 101 4.98 -7.07 3.66
CA GLY A 101 4.68 -6.10 4.69
C GLY A 101 3.22 -5.69 4.73
N GLY A 102 2.48 -6.10 3.70
CA GLY A 102 1.04 -5.76 3.58
C GLY A 102 0.87 -4.29 3.15
N MET A 103 1.89 -3.75 2.49
CA MET A 103 1.83 -2.40 1.88
C MET A 103 1.56 -2.36 0.35
N ALA A 104 1.29 -3.54 -0.17
CA ALA A 104 0.94 -3.71 -1.56
C ALA A 104 2.13 -3.34 -2.45
N GLY A 105 3.34 -3.86 -2.14
CA GLY A 105 4.54 -3.51 -2.93
C GLY A 105 4.49 -4.13 -4.33
N GLY A 106 3.97 -5.35 -4.46
CA GLY A 106 3.78 -6.00 -5.78
C GLY A 106 2.86 -5.15 -6.69
N SER A 107 1.79 -4.59 -6.13
CA SER A 107 0.88 -3.79 -6.90
C SER A 107 1.51 -2.43 -7.26
N ALA A 108 2.34 -1.90 -6.36
CA ALA A 108 3.10 -0.72 -6.65
C ALA A 108 4.03 -0.98 -7.87
N ASP A 109 4.78 -2.07 -7.82
CA ASP A 109 5.67 -2.42 -8.96
C ASP A 109 4.94 -2.55 -10.29
N ALA A 110 3.75 -3.19 -10.27
CA ALA A 110 2.96 -3.32 -11.49
C ALA A 110 2.57 -1.95 -12.01
N ALA A 111 2.12 -1.06 -11.11
CA ALA A 111 1.72 0.27 -11.57
C ALA A 111 2.95 1.00 -12.15
N ALA A 112 4.10 0.88 -11.48
CA ALA A 112 5.33 1.59 -11.95
C ALA A 112 5.74 1.03 -13.36
N VAL A 113 5.53 -0.24 -13.59
CA VAL A 113 5.85 -0.78 -14.94
C VAL A 113 4.96 -0.11 -16.07
N LEU A 114 3.66 0.00 -15.80
CA LEU A 114 2.77 0.69 -16.73
C LEU A 114 3.31 2.07 -17.06
N VAL A 115 3.63 2.88 -16.04
CA VAL A 115 4.04 4.26 -16.26
C VAL A 115 5.40 4.32 -16.98
N ALA A 116 6.28 3.42 -16.59
CA ALA A 116 7.63 3.46 -17.12
C ALA A 116 7.65 3.13 -18.60
N MET A 117 6.92 2.09 -18.96
CA MET A 117 6.81 1.64 -20.37
C MET A 117 6.16 2.73 -21.20
N ASN A 118 5.17 3.43 -20.61
CA ASN A 118 4.44 4.49 -21.32
C ASN A 118 5.46 5.53 -21.78
N SER A 119 6.37 5.87 -20.88
CA SER A 119 7.36 6.91 -21.11
C SER A 119 8.53 6.38 -21.96
N LEU A 120 9.02 5.18 -21.66
CA LEU A 120 10.14 4.63 -22.38
C LEU A 120 9.80 4.52 -23.90
N TRP A 121 8.60 4.00 -24.19
CA TRP A 121 8.18 3.79 -25.58
C TRP A 121 7.58 5.10 -26.13
N GLU A 122 7.61 6.16 -25.32
CA GLU A 122 7.07 7.46 -25.78
C GLU A 122 5.69 7.39 -26.38
N LEU A 123 4.78 6.73 -25.65
CA LEU A 123 3.40 6.53 -26.11
C LEU A 123 2.35 7.48 -25.57
N ASN A 124 2.43 7.82 -24.26
CA ASN A 124 1.34 8.61 -23.58
C ASN A 124 0.03 7.95 -23.82
N VAL A 125 -0.09 6.66 -23.61
CA VAL A 125 -1.47 6.20 -23.52
C VAL A 125 -2.14 6.91 -22.30
N PRO A 126 -3.44 7.22 -22.41
CA PRO A 126 -3.98 8.18 -21.41
C PRO A 126 -4.09 7.52 -20.03
N ARG A 127 -4.12 8.34 -18.99
CA ARG A 127 -4.28 7.80 -17.65
C ARG A 127 -5.44 6.85 -17.52
N ARG A 128 -6.55 7.12 -18.19
CA ARG A 128 -7.68 6.21 -18.04
C ARG A 128 -7.40 4.80 -18.57
N ASP A 129 -6.59 4.65 -19.63
CA ASP A 129 -6.22 3.28 -20.09
C ASP A 129 -5.32 2.61 -19.08
N LEU A 130 -4.41 3.36 -18.48
CA LEU A 130 -3.57 2.77 -17.41
C LEU A 130 -4.40 2.27 -16.22
N ARG A 131 -5.39 3.08 -15.80
CA ARG A 131 -6.31 2.66 -14.76
C ARG A 131 -7.08 1.37 -15.09
N MET A 132 -7.50 1.22 -16.34
CA MET A 132 -8.20 0.01 -16.79
C MET A 132 -7.26 -1.17 -16.77
N LEU A 133 -6.03 -0.97 -17.26
CA LEU A 133 -5.05 -2.06 -17.10
C LEU A 133 -4.77 -2.39 -15.63
N ALA A 134 -4.64 -1.36 -14.78
CA ALA A 134 -4.38 -1.57 -13.35
C ALA A 134 -5.46 -2.42 -12.72
N ALA A 135 -6.69 -2.14 -13.07
CA ALA A 135 -7.82 -2.92 -12.53
C ALA A 135 -7.82 -4.40 -12.95
N ARG A 136 -7.32 -4.70 -14.15
CA ARG A 136 -7.19 -6.13 -14.56
C ARG A 136 -6.12 -6.82 -13.77
N LEU A 137 -5.08 -6.06 -13.42
CA LEU A 137 -3.97 -6.65 -12.75
C LEU A 137 -4.31 -6.99 -11.31
N GLY A 138 -5.01 -6.14 -10.60
CA GLY A 138 -5.44 -6.52 -9.22
C GLY A 138 -5.93 -5.33 -8.44
N SER A 139 -6.63 -5.61 -7.35
CA SER A 139 -7.39 -4.51 -6.76
C SER A 139 -6.55 -3.37 -6.10
N ASP A 140 -5.25 -3.58 -5.84
CA ASP A 140 -4.43 -2.47 -5.26
C ASP A 140 -3.59 -1.71 -6.31
N VAL A 141 -3.58 -2.20 -7.55
CA VAL A 141 -2.84 -1.49 -8.58
C VAL A 141 -3.37 -0.09 -8.87
N PRO A 142 -4.71 0.08 -8.94
CA PRO A 142 -5.16 1.42 -9.29
C PRO A 142 -4.69 2.48 -8.29
N PHE A 143 -4.69 2.12 -6.99
CA PHE A 143 -4.32 3.15 -6.02
C PHE A 143 -2.81 3.43 -6.16
N ALA A 144 -2.01 2.42 -6.54
CA ALA A 144 -0.59 2.74 -6.71
C ALA A 144 -0.31 3.75 -7.84
N LEU A 145 -1.17 3.74 -8.87
CA LEU A 145 -1.09 4.76 -9.90
C LEU A 145 -1.57 6.14 -9.31
N HIS A 146 -2.64 6.12 -8.52
CA HIS A 146 -3.29 7.36 -8.07
C HIS A 146 -2.41 8.06 -7.03
N GLY A 147 -1.95 7.31 -6.00
CA GLY A 147 -1.17 7.91 -4.90
C GLY A 147 -1.94 8.92 -4.05
N GLY A 148 -1.19 9.82 -3.39
CA GLY A 148 -1.75 10.80 -2.40
C GLY A 148 -2.62 10.09 -1.38
N THR A 149 -3.84 10.58 -1.20
CA THR A 149 -4.85 9.97 -0.39
C THR A 149 -6.09 9.86 -1.25
N ALA A 150 -6.78 8.73 -1.17
CA ALA A 150 -8.02 8.56 -1.91
C ALA A 150 -9.06 7.73 -1.11
N LEU A 151 -10.33 8.07 -1.35
CA LEU A 151 -11.41 7.28 -0.87
C LEU A 151 -11.92 6.33 -1.94
N GLY A 152 -12.05 5.06 -1.58
CA GLY A 152 -12.39 4.01 -2.55
C GLY A 152 -13.58 3.23 -2.01
N THR A 153 -14.43 2.84 -2.93
CA THR A 153 -15.77 2.46 -2.58
C THR A 153 -15.98 0.95 -2.85
N GLY A 154 -15.01 0.34 -3.54
CA GLY A 154 -15.02 -1.12 -3.66
C GLY A 154 -15.97 -1.68 -4.69
N ARG A 155 -16.33 -0.84 -5.67
CA ARG A 155 -17.45 -1.12 -6.58
C ARG A 155 -16.97 -1.09 -8.05
N GLY A 156 -15.65 -0.97 -8.26
CA GLY A 156 -15.05 -0.84 -9.60
C GLY A 156 -15.05 0.62 -10.08
N GLU A 157 -15.69 1.48 -9.25
CA GLU A 157 -15.81 2.93 -9.53
C GLU A 157 -14.51 3.69 -9.24
N GLU A 158 -14.48 4.94 -9.67
CA GLU A 158 -13.32 5.81 -9.64
C GLU A 158 -12.95 6.17 -8.20
N LEU A 159 -11.64 6.12 -7.87
CA LEU A 159 -11.15 6.60 -6.55
C LEU A 159 -11.44 8.08 -6.44
N ALA A 160 -11.80 8.53 -5.24
CA ALA A 160 -11.96 9.96 -4.98
C ALA A 160 -10.72 10.57 -4.30
N THR A 161 -10.07 11.53 -4.96
CA THR A 161 -8.85 12.16 -4.43
C THR A 161 -9.17 13.03 -3.23
N VAL A 162 -8.37 12.90 -2.17
CA VAL A 162 -8.49 13.74 -0.97
C VAL A 162 -7.20 14.51 -0.81
N LEU A 163 -7.30 15.82 -0.75
CA LEU A 163 -6.11 16.65 -0.53
C LEU A 163 -5.92 17.03 0.93
N SER A 164 -4.67 17.13 1.39
CA SER A 164 -4.35 17.41 2.80
C SER A 164 -3.66 18.73 2.88
N ARG A 165 -3.96 19.50 3.92
CA ARG A 165 -3.31 20.79 4.09
C ARG A 165 -1.81 20.68 4.41
N ASN A 166 -1.43 19.68 5.20
CA ASN A 166 -0.01 19.50 5.59
C ASN A 166 0.28 18.00 5.42
N THR A 167 1.55 17.66 5.50
CA THR A 167 2.04 16.31 5.61
C THR A 167 1.76 15.61 6.96
N PHE A 168 1.63 14.27 6.94
CA PHE A 168 1.49 13.51 8.15
C PHE A 168 2.75 12.64 8.36
N HIS A 169 3.02 12.32 9.63
CA HIS A 169 4.26 11.61 10.04
C HIS A 169 3.88 10.31 10.73
N TRP A 170 4.42 9.21 10.20
CA TRP A 170 4.08 7.90 10.64
C TRP A 170 5.31 7.14 11.14
N VAL A 171 5.06 6.22 12.05
CA VAL A 171 5.95 5.08 12.29
C VAL A 171 5.23 3.83 11.82
N LEU A 172 5.91 3.00 10.99
CA LEU A 172 5.33 1.77 10.53
C LEU A 172 6.16 0.61 11.06
N ALA A 173 5.49 -0.35 11.65
CA ALA A 173 6.16 -1.50 12.29
C ALA A 173 5.61 -2.76 11.70
N PHE A 174 6.48 -3.74 11.49
CA PHE A 174 6.17 -4.90 10.70
C PHE A 174 6.50 -6.07 11.57
N ALA A 175 5.57 -6.99 11.66
CA ALA A 175 5.72 -8.23 12.44
C ALA A 175 6.61 -9.20 11.67
N ASP A 176 7.01 -10.31 12.26
CA ASP A 176 7.98 -11.18 11.58
C ASP A 176 7.26 -12.07 10.61
N SER A 177 5.96 -12.30 10.87
CA SER A 177 5.15 -13.01 9.88
C SER A 177 3.74 -12.48 9.75
N GLY A 178 3.30 -12.38 8.50
CA GLY A 178 1.93 -11.93 8.17
C GLY A 178 0.86 -13.02 8.33
N LEU A 179 -0.39 -12.64 8.17
CA LEU A 179 -1.52 -13.53 8.28
C LEU A 179 -2.14 -13.66 6.92
N LEU A 180 -2.84 -14.75 6.68
CA LEU A 180 -3.51 -14.92 5.42
C LEU A 180 -4.74 -14.00 5.38
N THR A 181 -4.94 -13.23 4.30
CA THR A 181 -6.08 -12.32 4.28
C THR A 181 -7.38 -13.15 4.35
N SER A 182 -7.33 -14.35 3.82
CA SER A 182 -8.41 -15.34 3.89
C SER A 182 -8.80 -15.66 5.34
N ALA A 183 -7.76 -15.92 6.15
CA ALA A 183 -7.91 -16.28 7.54
C ALA A 183 -8.51 -15.08 8.27
N VAL A 184 -8.13 -13.89 7.86
CA VAL A 184 -8.62 -12.71 8.61
C VAL A 184 -10.11 -12.45 8.28
N TYR A 185 -10.49 -12.52 6.98
CA TYR A 185 -11.89 -12.38 6.61
C TYR A 185 -12.72 -13.47 7.35
N ASN A 186 -12.32 -14.75 7.26
CA ASN A 186 -13.05 -15.79 8.00
C ASN A 186 -13.20 -15.45 9.49
N GLU A 187 -12.15 -14.92 10.11
CA GLU A 187 -12.24 -14.61 11.54
C GLU A 187 -13.11 -13.39 11.76
N LEU A 188 -13.12 -12.43 10.81
CA LEU A 188 -14.03 -11.28 10.87
C LEU A 188 -15.47 -11.85 10.82
N ASP A 189 -15.76 -12.71 9.84
CA ASP A 189 -17.08 -13.28 9.69
C ASP A 189 -17.54 -14.02 10.96
N ARG A 190 -16.62 -14.70 11.65
CA ARG A 190 -16.92 -15.48 12.84
C ARG A 190 -17.22 -14.56 14.01
N LEU A 191 -16.40 -13.53 14.21
CA LEU A 191 -16.60 -12.62 15.33
C LEU A 191 -17.97 -11.90 15.20
N ARG A 192 -18.39 -11.65 13.96
CA ARG A 192 -19.68 -10.98 13.71
C ARG A 192 -20.84 -11.95 13.90
N GLU A 193 -20.57 -13.24 13.81
CA GLU A 193 -21.58 -14.25 14.10
C GLU A 193 -21.83 -14.45 15.59
N VAL A 194 -20.78 -14.33 16.41
CA VAL A 194 -20.83 -14.65 17.86
C VAL A 194 -20.91 -13.43 18.80
N GLY A 195 -20.68 -12.23 18.28
CA GLY A 195 -20.63 -11.06 19.14
C GLY A 195 -20.98 -9.83 18.34
N ASP A 196 -20.58 -8.66 18.81
CA ASP A 196 -20.70 -7.46 17.95
C ASP A 196 -19.42 -6.63 17.86
N PRO A 197 -18.52 -6.99 16.95
CA PRO A 197 -17.27 -6.21 16.96
C PRO A 197 -17.54 -4.72 16.60
N PRO A 198 -16.52 -3.84 16.77
CA PRO A 198 -16.52 -2.41 16.30
C PRO A 198 -16.97 -2.16 14.85
N ARG A 199 -18.15 -1.53 14.63
CA ARG A 199 -18.55 -1.02 13.27
C ARG A 199 -18.21 0.46 13.07
N LEU A 200 -17.40 0.80 12.06
CA LEU A 200 -16.93 2.17 11.98
C LEU A 200 -18.05 3.10 11.48
N GLY A 201 -18.04 4.33 11.94
CA GLY A 201 -18.85 5.39 11.28
C GLY A 201 -18.43 5.53 9.81
N GLU A 202 -19.27 6.14 8.98
CA GLU A 202 -18.82 6.56 7.61
C GLU A 202 -17.56 7.50 7.61
N PRO A 203 -16.82 7.52 6.49
CA PRO A 203 -15.49 8.14 6.52
C PRO A 203 -15.37 9.68 6.46
N GLY A 204 -16.47 10.42 6.49
CA GLY A 204 -16.40 11.87 6.36
C GLY A 204 -15.50 12.55 7.39
N PRO A 205 -15.61 12.17 8.67
CA PRO A 205 -14.69 12.78 9.63
C PRO A 205 -13.18 12.52 9.33
N VAL A 206 -12.84 11.30 8.88
CA VAL A 206 -11.47 11.04 8.47
C VAL A 206 -11.02 12.00 7.40
N LEU A 207 -11.82 12.14 6.35
CA LEU A 207 -11.51 13.06 5.24
C LEU A 207 -11.36 14.49 5.71
N ALA A 208 -12.21 14.91 6.65
CA ALA A 208 -12.13 16.30 7.14
C ALA A 208 -10.84 16.53 7.97
N ALA A 209 -10.40 15.53 8.75
CA ALA A 209 -9.15 15.68 9.47
C ALA A 209 -7.94 15.69 8.50
N LEU A 210 -8.02 14.85 7.49
CA LEU A 210 -6.97 14.86 6.46
C LEU A 210 -6.89 16.19 5.80
N ALA A 211 -8.07 16.72 5.41
CA ALA A 211 -8.15 18.06 4.80
C ALA A 211 -7.60 19.17 5.68
N ALA A 212 -7.79 19.04 7.01
CA ALA A 212 -7.33 20.04 7.94
C ALA A 212 -5.80 19.90 8.20
N GLY A 213 -5.19 18.80 7.75
CA GLY A 213 -3.74 18.56 7.99
C GLY A 213 -3.47 18.35 9.49
N ASP A 214 -4.47 17.86 10.23
CA ASP A 214 -4.40 17.96 11.72
C ASP A 214 -4.28 16.58 12.36
N PRO A 215 -3.05 16.18 12.74
CA PRO A 215 -2.93 14.81 13.25
C PRO A 215 -3.68 14.57 14.53
N ASP A 216 -3.87 15.58 15.38
CA ASP A 216 -4.63 15.31 16.62
C ASP A 216 -6.10 15.03 16.29
N GLN A 217 -6.60 15.69 15.24
CA GLN A 217 -7.94 15.44 14.81
C GLN A 217 -8.03 14.06 14.09
N LEU A 218 -7.02 13.68 13.31
CA LEU A 218 -7.14 12.44 12.56
C LEU A 218 -6.95 11.22 13.46
N ALA A 219 -6.03 11.30 14.43
CA ALA A 219 -5.65 10.12 15.24
C ALA A 219 -6.79 9.24 15.77
N PRO A 220 -7.81 9.83 16.44
CA PRO A 220 -8.84 8.93 16.98
C PRO A 220 -9.81 8.36 15.94
N LEU A 221 -9.77 8.89 14.71
CA LEU A 221 -10.65 8.43 13.64
C LEU A 221 -10.03 7.32 12.78
N LEU A 222 -8.72 7.12 12.91
CA LEU A 222 -8.07 5.98 12.26
C LEU A 222 -8.79 4.69 12.62
N GLY A 223 -9.08 3.84 11.67
CA GLY A 223 -9.86 2.67 12.03
C GLY A 223 -9.82 1.58 11.00
N ASN A 224 -9.96 0.33 11.44
CA ASN A 224 -9.87 -0.78 10.52
C ASN A 224 -10.78 -1.89 11.03
N GLU A 225 -11.86 -2.17 10.32
CA GLU A 225 -12.78 -3.24 10.77
C GLU A 225 -12.16 -4.68 10.75
N MET A 226 -11.05 -4.85 10.02
CA MET A 226 -10.31 -6.17 10.09
C MET A 226 -9.41 -6.33 11.36
N GLN A 227 -9.15 -5.23 12.07
CA GLN A 227 -8.22 -5.25 13.21
C GLN A 227 -8.57 -6.22 14.34
N ALA A 228 -9.84 -6.25 14.75
CA ALA A 228 -10.28 -7.15 15.83
C ALA A 228 -10.01 -8.62 15.43
N ALA A 229 -10.26 -8.94 14.18
CA ALA A 229 -9.98 -10.25 13.66
C ALA A 229 -8.45 -10.58 13.59
N ALA A 230 -7.66 -9.68 13.03
CA ALA A 230 -6.20 -9.84 13.06
C ALA A 230 -5.69 -10.03 14.50
N VAL A 231 -6.14 -9.19 15.44
CA VAL A 231 -5.78 -9.23 16.85
C VAL A 231 -6.25 -10.52 17.60
N SER A 232 -7.32 -11.15 17.09
CA SER A 232 -7.83 -12.45 17.58
C SER A 232 -6.95 -13.59 17.03
N LEU A 233 -6.40 -13.44 15.83
CA LEU A 233 -5.52 -14.43 15.29
C LEU A 233 -4.07 -14.28 15.74
N ASP A 234 -3.71 -13.09 16.23
CA ASP A 234 -2.34 -12.81 16.61
C ASP A 234 -2.36 -11.78 17.73
N PRO A 235 -2.60 -12.25 18.98
CA PRO A 235 -2.79 -11.34 20.11
C PRO A 235 -1.61 -10.41 20.45
N ALA A 236 -0.41 -10.72 19.96
CA ALA A 236 0.75 -9.84 20.14
C ALA A 236 0.47 -8.49 19.48
N LEU A 237 -0.30 -8.50 18.40
CA LEU A 237 -0.65 -7.19 17.72
C LEU A 237 -1.25 -6.18 18.69
N ALA A 238 -2.08 -6.62 19.64
CA ALA A 238 -2.60 -5.69 20.68
C ALA A 238 -1.54 -5.02 21.58
N ARG A 239 -0.52 -5.77 21.97
CA ARG A 239 0.54 -5.21 22.81
C ARG A 239 1.41 -4.23 22.03
N ALA A 240 1.67 -4.61 20.79
CA ALA A 240 2.42 -3.79 19.85
C ALA A 240 1.73 -2.44 19.62
N LEU A 241 0.42 -2.45 19.33
CA LEU A 241 -0.38 -1.23 19.26
C LEU A 241 -0.27 -0.39 20.52
N ARG A 242 -0.27 -1.03 21.69
CA ARG A 242 -0.10 -0.26 22.93
C ARG A 242 1.28 0.35 23.10
N ALA A 243 2.31 -0.44 22.84
CA ALA A 243 3.70 0.04 22.92
C ALA A 243 3.94 1.26 22.03
N GLY A 244 3.39 1.25 20.80
CA GLY A 244 3.59 2.41 19.91
C GLY A 244 3.05 3.66 20.56
N VAL A 245 1.88 3.53 21.15
CA VAL A 245 1.27 4.69 21.78
C VAL A 245 2.04 5.10 23.06
N GLU A 246 2.42 4.14 23.92
CA GLU A 246 3.27 4.37 25.10
C GLU A 246 4.56 5.05 24.71
N ALA A 247 5.11 4.67 23.54
CA ALA A 247 6.30 5.32 23.00
C ALA A 247 6.05 6.77 22.53
N GLY A 248 4.80 7.20 22.50
CA GLY A 248 4.56 8.60 22.18
C GLY A 248 3.71 8.82 20.94
N ALA A 249 3.35 7.76 20.19
CA ALA A 249 2.46 7.95 19.05
C ALA A 249 1.07 8.44 19.53
N LEU A 250 0.37 9.15 18.65
CA LEU A 250 -1.01 9.55 18.95
C LEU A 250 -1.99 8.38 18.95
N ALA A 251 -1.86 7.50 17.97
CA ALA A 251 -2.75 6.38 17.86
C ALA A 251 -2.02 5.36 16.98
N GLY A 252 -2.34 4.08 17.12
CA GLY A 252 -1.92 3.09 16.14
C GLY A 252 -3.02 2.15 15.73
N ILE A 253 -2.93 1.64 14.50
CA ILE A 253 -3.89 0.69 14.02
C ILE A 253 -3.16 -0.37 13.25
N VAL A 254 -3.73 -1.54 13.06
CA VAL A 254 -3.23 -2.44 12.04
C VAL A 254 -3.78 -1.99 10.69
N SER A 255 -2.89 -1.96 9.70
CA SER A 255 -3.28 -1.65 8.31
C SER A 255 -3.64 -2.92 7.56
N GLY A 256 -4.91 -3.00 7.17
CA GLY A 256 -5.41 -4.12 6.38
C GLY A 256 -5.56 -5.38 7.17
N SER A 257 -5.12 -6.49 6.62
CA SER A 257 -5.04 -7.72 7.40
C SER A 257 -3.73 -7.86 8.20
N GLY A 258 -2.89 -6.81 8.19
CA GLY A 258 -1.48 -6.89 8.69
C GLY A 258 -0.47 -7.37 7.61
N PRO A 259 0.87 -7.31 7.89
CA PRO A 259 1.59 -6.99 9.18
C PRO A 259 1.81 -5.51 9.60
N THR A 260 1.72 -4.57 8.68
CA THR A 260 1.82 -3.19 9.12
C THR A 260 0.91 -2.89 10.36
N CYS A 261 1.55 -2.36 11.38
CA CYS A 261 0.90 -1.43 12.36
C CYS A 261 1.39 -0.06 11.95
N ALA A 262 0.46 0.90 11.84
CA ALA A 262 0.78 2.25 11.48
C ALA A 262 0.52 3.18 12.67
N PHE A 263 1.51 3.96 13.04
CA PHE A 263 1.35 4.88 14.12
C PHE A 263 1.40 6.31 13.66
N LEU A 264 0.33 7.09 13.91
CA LEU A 264 0.39 8.50 13.54
C LEU A 264 1.11 9.25 14.66
N CYS A 265 2.03 10.11 14.30
CA CYS A 265 2.76 10.93 15.26
C CYS A 265 2.51 12.40 14.96
N THR A 266 2.94 13.25 15.87
CA THR A 266 2.66 14.68 15.75
C THR A 266 3.65 15.40 14.83
N SER A 267 4.84 14.83 14.56
CA SER A 267 5.82 15.58 13.80
C SER A 267 6.89 14.64 13.38
N ALA A 268 7.79 15.12 12.53
CA ALA A 268 8.96 14.32 12.10
C ALA A 268 9.85 13.97 13.29
N SER A 269 10.17 14.96 14.12
CA SER A 269 10.93 14.68 15.36
C SER A 269 10.23 13.71 16.21
N SER A 270 8.91 13.82 16.32
CA SER A 270 8.26 12.89 17.21
C SER A 270 8.32 11.42 16.68
N ALA A 271 8.11 11.28 15.36
CA ALA A 271 8.16 9.98 14.69
C ALA A 271 9.53 9.36 14.86
N ILE A 272 10.60 10.18 14.78
CA ILE A 272 11.93 9.60 14.99
C ILE A 272 12.10 9.04 16.41
N ASP A 273 11.66 9.78 17.42
CA ASP A 273 11.75 9.25 18.80
C ASP A 273 10.84 8.00 19.04
N VAL A 274 9.56 8.04 18.62
CA VAL A 274 8.66 6.87 18.72
C VAL A 274 9.28 5.66 18.03
N GLY A 275 9.79 5.87 16.82
CA GLY A 275 10.46 4.78 16.07
C GLY A 275 11.70 4.26 16.80
N ALA A 276 12.49 5.14 17.42
CA ALA A 276 13.68 4.69 18.12
C ALA A 276 13.27 3.83 19.31
N GLN A 277 12.28 4.29 20.05
CA GLN A 277 11.75 3.52 21.19
C GLN A 277 11.18 2.18 20.77
N LEU A 278 10.26 2.19 19.78
CA LEU A 278 9.72 0.93 19.32
C LEU A 278 10.79 -0.02 18.89
N SER A 279 11.76 0.46 18.13
CA SER A 279 12.80 -0.41 17.58
C SER A 279 13.59 -1.03 18.73
N GLY A 280 13.86 -0.20 19.74
CA GLY A 280 14.55 -0.64 20.97
C GLY A 280 13.79 -1.70 21.77
N ALA A 281 12.46 -1.57 21.79
CA ALA A 281 11.54 -2.38 22.62
C ALA A 281 11.26 -3.80 22.14
N GLY A 282 11.72 -4.15 20.93
CA GLY A 282 11.50 -5.50 20.37
C GLY A 282 10.13 -6.07 19.99
N VAL A 283 9.02 -5.34 20.14
CA VAL A 283 7.69 -5.86 19.68
C VAL A 283 7.55 -6.26 18.16
N CYS A 284 8.47 -5.77 17.31
CA CYS A 284 8.34 -5.86 15.86
C CYS A 284 9.69 -6.21 15.24
N ARG A 285 9.71 -6.96 14.14
CA ARG A 285 10.94 -7.20 13.41
C ARG A 285 11.60 -5.91 12.79
N THR A 286 10.78 -5.07 12.12
CA THR A 286 11.23 -3.90 11.36
C THR A 286 10.36 -2.69 11.77
N VAL A 287 11.00 -1.54 11.96
CA VAL A 287 10.37 -0.28 12.27
C VAL A 287 10.99 0.76 11.31
N ARG A 288 10.14 1.57 10.69
N ARG A 288 10.14 1.59 10.71
CA ARG A 288 10.56 2.60 9.71
CA ARG A 288 10.56 2.61 9.75
C ARG A 288 9.73 3.87 9.92
C ARG A 288 9.73 3.89 9.95
N VAL A 289 10.31 5.04 9.61
CA VAL A 289 9.52 6.31 9.59
C VAL A 289 9.10 6.58 8.16
N ALA A 290 7.97 7.29 7.96
CA ALA A 290 7.55 7.63 6.65
C ALA A 290 6.73 8.90 6.78
N THR A 291 6.47 9.56 5.65
CA THR A 291 5.50 10.65 5.68
C THR A 291 4.43 10.32 4.67
N GLY A 292 3.28 11.01 4.76
CA GLY A 292 2.33 10.86 3.66
C GLY A 292 1.50 12.12 3.70
N PRO A 293 0.74 12.41 2.63
CA PRO A 293 0.70 11.65 1.38
C PRO A 293 1.90 11.93 0.48
N VAL A 294 2.22 10.98 -0.39
CA VAL A 294 3.24 11.21 -1.43
C VAL A 294 2.55 10.84 -2.74
N PRO A 295 3.06 11.31 -3.88
CA PRO A 295 2.50 10.98 -5.20
C PRO A 295 2.51 9.50 -5.59
N GLY A 296 1.68 9.08 -6.55
CA GLY A 296 1.68 7.66 -7.03
C GLY A 296 2.79 7.51 -8.04
N ALA A 297 2.73 6.45 -8.83
CA ALA A 297 3.82 6.08 -9.74
C ALA A 297 4.19 7.25 -10.64
N ARG A 298 5.43 7.74 -10.60
CA ARG A 298 5.82 8.81 -11.54
CA ARG A 298 5.85 8.86 -11.49
C ARG A 298 7.25 8.63 -12.03
N VAL A 299 7.52 9.08 -13.25
CA VAL A 299 8.87 9.05 -13.75
C VAL A 299 9.75 9.97 -12.90
N VAL A 300 10.92 9.49 -12.48
CA VAL A 300 11.84 10.33 -11.72
C VAL A 300 13.18 10.50 -12.44
N SER A 301 13.49 9.68 -13.44
CA SER A 301 14.73 9.85 -14.20
C SER A 301 14.80 11.21 -14.96
#